data_6TEL
#
_entry.id   6TEL
#
_cell.length_a   159.160
_cell.length_b   159.160
_cell.length_c   74.140
_cell.angle_alpha   90.000
_cell.angle_beta   90.000
_cell.angle_gamma   120.000
#
_symmetry.space_group_name_H-M   'P 63'
#
loop_
_entity.id
_entity.type
_entity.pdbx_description
1 polymer 'Histone-lysine N-methyltransferase, H3 lysine-79 specific'
2 non-polymer ~{N}1-[(~{S})-[2,2-bis(fluoranyl)-1,3-benzodioxol-4-yl]-(3-chloranylpyridin-2-yl)methyl]-~{N}2-(4-methoxy-6-piperazin-1-yl-1,3,5-triazin-2-yl)-4-methylsulfonyl-benzene-1,2-diamine
3 non-polymer 'POTASSIUM ION'
4 water water
#
_entity_poly.entity_id   1
_entity_poly.type   'polypeptide(L)'
_entity_poly.pdbx_seq_one_letter_code
;GPGEKLELRLKSPVGAEPAVYPWPLPVYDKHHDAAHEIIETIRWVCEEIPDLKLAMENYVLIDYDTKSFESMQRLCDKYN
RAIDSIHQLWKGTTQPMKLNTRPSTGLLRHILQQVYNHSVTDPEKLNNYEPFSPEVYGETSFDLVAQMIDEIKMTDDDLF
VDLGSGVGQVVLQVAAATNCKHHYGVEKADIPAKYAETMDREFRKWMKWYGKKHAEYTLERGDFLSEEWRERIANTSVIF
VNNFAFGPEVDHQLKERFANMKEGGRIVSSKPFAPLNFRINSRNLSDIGTIMRVVELSPLKGSVSWTGKPVSYYLHTIDR
TILENYFSSLKNPG
;
_entity_poly.pdbx_strand_id   A,B
#
# COMPACT_ATOMS: atom_id res chain seq x y z
N LEU A 6 4.25 -20.02 -29.56
CA LEU A 6 3.40 -18.91 -29.14
C LEU A 6 3.94 -18.26 -27.85
N GLU A 7 4.51 -17.04 -28.02
CA GLU A 7 5.13 -16.28 -26.94
C GLU A 7 4.96 -14.75 -27.08
N LEU A 8 5.29 -13.98 -26.02
CA LEU A 8 5.24 -12.51 -26.03
C LEU A 8 6.62 -11.99 -25.69
N ARG A 9 7.12 -10.99 -26.44
CA ARG A 9 8.45 -10.43 -26.19
C ARG A 9 8.40 -8.92 -25.94
N LEU A 10 9.16 -8.46 -24.93
CA LEU A 10 9.32 -7.03 -24.62
C LEU A 10 10.77 -6.63 -24.79
N LYS A 11 11.02 -5.67 -25.69
CA LYS A 11 12.36 -5.16 -25.94
C LYS A 11 12.81 -4.29 -24.78
N SER A 12 14.07 -4.43 -24.40
CA SER A 12 14.65 -3.65 -23.32
C SER A 12 14.85 -2.18 -23.76
N PRO A 13 14.52 -1.18 -22.91
CA PRO A 13 14.79 0.22 -23.32
C PRO A 13 16.28 0.59 -23.41
N VAL A 14 17.19 -0.25 -22.85
CA VAL A 14 18.62 0.05 -22.86
C VAL A 14 19.42 -0.93 -23.74
N GLY A 15 18.74 -1.77 -24.51
CA GLY A 15 19.39 -2.71 -25.41
C GLY A 15 19.80 -4.04 -24.82
N ALA A 16 19.37 -4.35 -23.57
CA ALA A 16 19.64 -5.64 -22.94
C ALA A 16 18.79 -6.72 -23.67
N GLU A 17 18.96 -8.01 -23.31
CA GLU A 17 18.21 -9.13 -23.90
C GLU A 17 16.70 -8.94 -23.70
N PRO A 18 15.85 -9.23 -24.70
CA PRO A 18 14.41 -9.01 -24.50
C PRO A 18 13.79 -9.89 -23.41
N ALA A 19 12.69 -9.43 -22.83
CA ALA A 19 11.95 -10.21 -21.83
C ALA A 19 11.03 -11.11 -22.65
N VAL A 20 11.13 -12.43 -22.45
CA VAL A 20 10.34 -13.40 -23.21
C VAL A 20 9.37 -14.11 -22.27
N TYR A 21 8.08 -14.04 -22.57
CA TYR A 21 7.05 -14.68 -21.78
C TYR A 21 6.41 -15.79 -22.62
N PRO A 22 6.26 -17.01 -22.08
CA PRO A 22 5.60 -18.07 -22.86
C PRO A 22 4.07 -17.98 -22.73
N TRP A 23 3.34 -18.11 -23.86
CA TRP A 23 1.87 -18.08 -23.87
C TRP A 23 1.32 -19.51 -23.99
N PRO A 24 0.35 -19.96 -23.14
CA PRO A 24 -0.35 -19.23 -22.06
C PRO A 24 0.57 -18.74 -20.95
N LEU A 25 0.38 -17.47 -20.53
CA LEU A 25 1.14 -16.77 -19.48
C LEU A 25 1.00 -17.47 -18.13
N PRO A 26 2.02 -17.39 -17.22
CA PRO A 26 1.88 -18.01 -15.88
C PRO A 26 0.72 -17.44 -15.08
N VAL A 27 0.12 -18.27 -14.22
CA VAL A 27 -1.04 -17.92 -13.40
C VAL A 27 -0.76 -16.91 -12.28
N TYR A 28 0.33 -17.06 -11.49
CA TYR A 28 0.69 -16.20 -10.33
C TYR A 28 -0.35 -16.41 -9.20
N HIS A 32 -2.17 -11.26 -8.11
CA HIS A 32 -1.29 -10.90 -9.22
C HIS A 32 -1.60 -11.61 -10.53
N ASP A 33 -1.21 -10.99 -11.67
CA ASP A 33 -1.47 -11.46 -13.03
C ASP A 33 -0.33 -11.09 -14.02
N ALA A 34 0.20 -12.09 -14.76
CA ALA A 34 1.30 -11.94 -15.71
C ALA A 34 1.05 -10.93 -16.84
N ALA A 35 -0.21 -10.85 -17.32
CA ALA A 35 -0.63 -9.94 -18.37
C ALA A 35 -0.60 -8.51 -17.87
N HIS A 36 -1.06 -8.28 -16.62
CA HIS A 36 -1.01 -6.97 -15.99
C HIS A 36 0.43 -6.53 -15.74
N GLU A 37 1.31 -7.49 -15.44
CA GLU A 37 2.76 -7.27 -15.27
C GLU A 37 3.37 -6.71 -16.57
N ILE A 38 3.00 -7.28 -17.74
CA ILE A 38 3.49 -6.82 -19.05
C ILE A 38 3.02 -5.38 -19.35
N ILE A 39 1.73 -5.07 -19.03
CA ILE A 39 1.15 -3.75 -19.25
C ILE A 39 1.80 -2.72 -18.29
N GLU A 40 1.95 -3.06 -17.01
CA GLU A 40 2.60 -2.17 -16.07
C GLU A 40 4.08 -1.95 -16.41
N THR A 41 4.79 -2.97 -16.92
CA THR A 41 6.18 -2.82 -17.35
C THR A 41 6.24 -1.76 -18.45
N ILE A 42 5.37 -1.88 -19.48
CA ILE A 42 5.26 -0.95 -20.60
C ILE A 42 5.01 0.49 -20.09
N ARG A 43 4.02 0.65 -19.20
CA ARG A 43 3.68 1.93 -18.56
C ARG A 43 4.87 2.51 -17.77
N TRP A 44 5.57 1.68 -17.01
CA TRP A 44 6.75 2.14 -16.27
C TRP A 44 7.86 2.62 -17.22
N VAL A 45 8.13 1.89 -18.29
CA VAL A 45 9.15 2.30 -19.27
C VAL A 45 8.73 3.63 -19.96
N CYS A 46 7.43 3.78 -20.27
CA CYS A 46 6.89 5.01 -20.86
C CYS A 46 6.98 6.20 -19.94
N GLU A 47 6.78 5.98 -18.63
CA GLU A 47 6.89 7.02 -17.61
C GLU A 47 8.36 7.49 -17.50
N GLU A 48 9.29 6.54 -17.65
CA GLU A 48 10.74 6.64 -17.56
C GLU A 48 11.40 7.32 -18.77
N ILE A 49 10.79 7.16 -19.96
CA ILE A 49 11.32 7.69 -21.22
C ILE A 49 10.25 8.55 -21.91
N PRO A 50 10.33 9.90 -21.76
CA PRO A 50 9.32 10.78 -22.38
C PRO A 50 9.23 10.67 -23.91
N ASP A 51 10.36 10.42 -24.62
CA ASP A 51 10.34 10.24 -26.10
C ASP A 51 9.48 9.02 -26.47
N LEU A 52 9.53 7.97 -25.62
CA LEU A 52 8.80 6.72 -25.80
C LEU A 52 7.31 6.91 -25.65
N LYS A 53 6.89 7.67 -24.61
CA LYS A 53 5.49 8.03 -24.36
C LYS A 53 4.98 8.85 -25.55
N LEU A 54 5.85 9.72 -26.15
CA LEU A 54 5.50 10.49 -27.34
C LEU A 54 5.29 9.59 -28.55
N ALA A 55 6.26 8.70 -28.86
CA ALA A 55 6.24 7.81 -30.03
C ALA A 55 5.12 6.78 -30.00
N MET A 56 4.80 6.26 -28.81
CA MET A 56 3.76 5.25 -28.61
C MET A 56 2.36 5.81 -28.85
N GLU A 57 1.55 5.07 -29.63
CA GLU A 57 0.15 5.36 -29.92
C GLU A 57 -0.61 5.21 -28.60
N ASN A 58 -1.15 6.32 -28.08
CA ASN A 58 -1.85 6.44 -26.79
C ASN A 58 -2.94 5.37 -26.52
N TYR A 59 -3.78 5.11 -27.54
CA TYR A 59 -4.93 4.22 -27.57
C TYR A 59 -4.69 2.76 -27.16
N VAL A 60 -3.51 2.20 -27.50
CA VAL A 60 -3.08 0.80 -27.28
C VAL A 60 -3.04 0.35 -25.80
N LEU A 61 -2.95 1.29 -24.85
CA LEU A 61 -2.90 0.99 -23.43
C LEU A 61 -4.27 1.09 -22.73
N ILE A 62 -5.29 1.52 -23.48
CA ILE A 62 -6.66 1.63 -23.01
C ILE A 62 -7.39 0.35 -23.49
N ASP A 63 -7.31 0.08 -24.81
CA ASP A 63 -7.94 -1.04 -25.52
C ASP A 63 -7.07 -2.31 -25.63
N TYR A 64 -7.22 -3.23 -24.66
CA TYR A 64 -6.52 -4.52 -24.63
C TYR A 64 -7.36 -5.60 -23.95
N ASP A 65 -7.12 -6.86 -24.31
CA ASP A 65 -7.80 -8.01 -23.71
C ASP A 65 -6.67 -8.94 -23.25
N THR A 66 -6.49 -9.04 -21.93
CA THR A 66 -5.45 -9.88 -21.31
C THR A 66 -5.67 -11.36 -21.61
N LYS A 67 -6.91 -11.74 -21.94
CA LYS A 67 -7.28 -13.12 -22.26
C LYS A 67 -7.15 -13.43 -23.75
N SER A 68 -6.64 -12.47 -24.55
CA SER A 68 -6.47 -12.67 -25.99
C SER A 68 -5.02 -12.58 -26.39
N PHE A 69 -4.49 -13.67 -27.01
CA PHE A 69 -3.10 -13.72 -27.47
C PHE A 69 -2.78 -12.63 -28.49
N GLU A 70 -3.67 -12.46 -29.48
CA GLU A 70 -3.55 -11.47 -30.56
C GLU A 70 -3.59 -10.05 -30.01
N SER A 71 -4.51 -9.77 -29.05
CA SER A 71 -4.60 -8.45 -28.43
C SER A 71 -3.33 -8.14 -27.61
N MET A 72 -2.80 -9.13 -26.88
CA MET A 72 -1.59 -8.96 -26.07
C MET A 72 -0.35 -8.77 -26.94
N GLN A 73 -0.31 -9.51 -28.05
CA GLN A 73 0.76 -9.47 -29.04
C GLN A 73 0.84 -8.11 -29.74
N ARG A 74 -0.32 -7.50 -30.03
CA ARG A 74 -0.46 -6.20 -30.68
C ARG A 74 0.07 -5.11 -29.76
N LEU A 75 -0.25 -5.20 -28.47
CA LEU A 75 0.21 -4.29 -27.44
C LEU A 75 1.76 -4.33 -27.34
N CYS A 76 2.34 -5.54 -27.28
CA CYS A 76 3.78 -5.76 -27.25
C CYS A 76 4.45 -5.25 -28.50
N ASP A 77 3.83 -5.49 -29.68
CA ASP A 77 4.35 -5.02 -30.96
C ASP A 77 4.45 -3.50 -31.02
N LYS A 78 3.39 -2.77 -30.60
CA LYS A 78 3.34 -1.31 -30.56
C LYS A 78 4.46 -0.77 -29.66
N TYR A 79 4.63 -1.36 -28.46
CA TYR A 79 5.69 -0.97 -27.55
C TYR A 79 7.05 -1.23 -28.20
N ASN A 80 7.27 -2.45 -28.74
CA ASN A 80 8.52 -2.86 -29.37
C ASN A 80 8.95 -1.97 -30.52
N ARG A 81 7.98 -1.53 -31.34
CA ARG A 81 8.20 -0.64 -32.48
C ARG A 81 8.57 0.77 -32.03
N ALA A 82 7.90 1.26 -30.97
CA ALA A 82 8.14 2.56 -30.36
C ALA A 82 9.57 2.61 -29.76
N ILE A 83 10.03 1.52 -29.09
CA ILE A 83 11.39 1.36 -28.54
C ILE A 83 12.39 1.42 -29.69
N ASP A 84 12.07 0.76 -30.83
CA ASP A 84 12.90 0.78 -32.04
C ASP A 84 13.05 2.20 -32.63
N SER A 85 11.94 3.00 -32.67
CA SER A 85 11.95 4.39 -33.20
C SER A 85 12.86 5.28 -32.37
N ILE A 86 12.75 5.14 -31.05
CA ILE A 86 13.51 5.86 -30.03
C ILE A 86 14.99 5.49 -30.10
N HIS A 87 15.28 4.19 -30.31
CA HIS A 87 16.66 3.72 -30.47
C HIS A 87 17.29 4.26 -31.76
N GLN A 88 16.47 4.53 -32.80
CA GLN A 88 16.90 5.12 -34.08
C GLN A 88 17.20 6.61 -33.88
N LEU A 89 16.37 7.31 -33.06
CA LEU A 89 16.49 8.73 -32.73
C LEU A 89 17.77 9.01 -31.92
N TRP A 90 18.03 8.15 -30.95
CA TRP A 90 19.20 8.27 -30.08
C TRP A 90 20.51 7.95 -30.82
N LYS A 91 20.44 7.18 -31.92
CA LYS A 91 21.57 6.84 -32.81
C LYS A 91 22.08 8.16 -33.40
N GLY A 92 21.14 8.97 -33.93
CA GLY A 92 21.41 10.28 -34.52
C GLY A 92 21.68 11.37 -33.52
N ASN A 100 23.18 4.16 -16.22
CA ASN A 100 22.85 3.25 -15.12
C ASN A 100 22.61 4.02 -13.81
N THR A 101 21.36 4.44 -13.63
CA THR A 101 20.85 5.21 -12.49
C THR A 101 20.07 4.28 -11.51
N ARG A 102 19.82 4.75 -10.29
CA ARG A 102 19.06 3.95 -9.32
C ARG A 102 17.56 4.02 -9.65
N PRO A 103 16.81 2.92 -9.42
CA PRO A 103 15.37 2.98 -9.74
C PRO A 103 14.60 3.91 -8.79
N SER A 104 13.54 4.56 -9.31
CA SER A 104 12.64 5.37 -8.48
C SER A 104 11.95 4.39 -7.50
N THR A 105 11.32 4.91 -6.44
CA THR A 105 10.63 4.05 -5.48
C THR A 105 9.49 3.27 -6.15
N GLY A 106 8.69 3.93 -6.98
CA GLY A 106 7.61 3.29 -7.70
C GLY A 106 8.10 2.17 -8.61
N LEU A 107 9.15 2.42 -9.39
CA LEU A 107 9.70 1.39 -10.28
C LEU A 107 10.25 0.20 -9.47
N LEU A 108 10.96 0.50 -8.36
CA LEU A 108 11.53 -0.53 -7.51
C LEU A 108 10.44 -1.46 -6.93
N ARG A 109 9.29 -0.89 -6.51
CA ARG A 109 8.17 -1.71 -6.01
C ARG A 109 7.74 -2.69 -7.10
N HIS A 110 7.60 -2.18 -8.34
CA HIS A 110 7.23 -3.00 -9.51
C HIS A 110 8.28 -4.08 -9.76
N ILE A 111 9.59 -3.69 -9.82
CA ILE A 111 10.69 -4.62 -10.08
C ILE A 111 10.71 -5.77 -9.04
N LEU A 112 10.59 -5.45 -7.75
CA LEU A 112 10.62 -6.47 -6.68
C LEU A 112 9.45 -7.46 -6.78
N GLN A 113 8.25 -6.95 -7.06
CA GLN A 113 7.07 -7.79 -7.27
C GLN A 113 7.26 -8.69 -8.50
N GLN A 114 7.75 -8.10 -9.60
CA GLN A 114 8.05 -8.77 -10.87
C GLN A 114 9.06 -9.91 -10.65
N VAL A 115 10.17 -9.63 -9.92
CA VAL A 115 11.21 -10.60 -9.57
C VAL A 115 10.60 -11.75 -8.76
N TYR A 116 9.78 -11.43 -7.74
CA TYR A 116 9.10 -12.45 -6.93
C TYR A 116 8.19 -13.36 -7.78
N ASN A 117 7.35 -12.76 -8.63
CA ASN A 117 6.39 -13.45 -9.50
C ASN A 117 7.06 -14.46 -10.45
N HIS A 118 8.25 -14.12 -10.96
CA HIS A 118 9.08 -14.94 -11.85
C HIS A 118 9.91 -15.97 -11.07
N SER A 119 10.03 -15.83 -9.72
CA SER A 119 10.87 -16.72 -8.91
C SER A 119 10.10 -17.69 -8.01
N VAL A 120 9.11 -17.21 -7.26
CA VAL A 120 8.33 -18.03 -6.34
C VAL A 120 7.05 -18.45 -7.03
N THR A 121 6.90 -19.76 -7.25
CA THR A 121 5.81 -20.36 -8.03
C THR A 121 4.94 -21.41 -7.32
N ASP A 122 5.27 -21.77 -6.07
CA ASP A 122 4.50 -22.80 -5.36
C ASP A 122 3.82 -22.30 -4.07
N PRO A 123 2.54 -22.74 -3.81
CA PRO A 123 1.85 -22.33 -2.57
C PRO A 123 2.36 -23.13 -1.36
N ASN A 127 1.88 -18.87 -0.10
CA ASN A 127 1.96 -20.13 0.65
C ASN A 127 0.99 -20.20 1.85
N ASN A 128 1.06 -19.22 2.79
CA ASN A 128 0.22 -19.12 4.00
C ASN A 128 -0.16 -17.63 4.35
N TYR A 129 0.58 -16.64 3.79
CA TYR A 129 0.40 -15.18 3.84
C TYR A 129 0.35 -14.58 5.27
N GLU A 130 1.24 -15.04 6.18
CA GLU A 130 1.39 -14.54 7.57
C GLU A 130 2.06 -13.12 7.55
N PRO A 131 1.95 -12.27 8.62
CA PRO A 131 2.53 -10.91 8.53
C PRO A 131 4.01 -10.91 8.24
N PHE A 132 4.46 -9.99 7.35
CA PHE A 132 5.87 -9.80 6.94
C PHE A 132 6.50 -11.09 6.39
N SER A 133 5.70 -11.86 5.65
CA SER A 133 6.12 -13.08 4.98
C SER A 133 6.41 -12.72 3.52
N PRO A 134 7.29 -13.48 2.78
CA PRO A 134 7.62 -13.10 1.39
C PRO A 134 6.43 -12.86 0.46
N GLU A 135 5.34 -13.65 0.62
CA GLU A 135 4.12 -13.58 -0.19
C GLU A 135 3.34 -12.28 -0.04
N VAL A 136 3.58 -11.49 1.05
CA VAL A 136 2.87 -10.23 1.32
C VAL A 136 3.82 -9.02 1.41
N TYR A 137 5.06 -9.15 0.86
CA TYR A 137 6.11 -8.12 0.90
C TYR A 137 5.63 -6.75 0.42
N GLY A 138 4.87 -6.73 -0.67
CA GLY A 138 4.32 -5.51 -1.26
C GLY A 138 3.36 -4.77 -0.35
N GLU A 139 2.58 -5.48 0.50
CA GLU A 139 1.55 -4.92 1.39
C GLU A 139 2.03 -3.89 2.45
N THR A 140 2.90 -4.27 3.39
CA THR A 140 3.38 -3.28 4.39
C THR A 140 4.92 -3.20 4.38
N SER A 141 5.63 -4.34 4.07
CA SER A 141 7.12 -4.41 4.06
C SER A 141 7.80 -3.40 3.18
N PHE A 142 7.43 -3.32 1.89
CA PHE A 142 8.09 -2.42 0.96
C PHE A 142 8.17 -0.99 1.47
N ASP A 143 7.01 -0.41 1.86
CA ASP A 143 6.93 0.97 2.35
C ASP A 143 7.68 1.15 3.64
N LEU A 144 7.56 0.19 4.57
CA LEU A 144 8.28 0.27 5.84
C LEU A 144 9.80 0.19 5.62
N VAL A 145 10.28 -0.72 4.77
CA VAL A 145 11.73 -0.81 4.46
C VAL A 145 12.19 0.54 3.82
N ALA A 146 11.35 1.17 2.94
CA ALA A 146 11.66 2.47 2.33
C ALA A 146 11.82 3.57 3.39
N GLN A 147 10.91 3.62 4.42
CA GLN A 147 11.02 4.57 5.53
C GLN A 147 12.29 4.35 6.34
N MET A 148 12.61 3.07 6.61
CA MET A 148 13.80 2.65 7.36
C MET A 148 15.09 3.12 6.65
N ILE A 149 15.18 2.89 5.32
CA ILE A 149 16.32 3.31 4.46
C ILE A 149 16.52 4.84 4.63
N ASP A 150 15.43 5.63 4.55
CA ASP A 150 15.47 7.10 4.71
C ASP A 150 15.91 7.54 6.11
N GLU A 151 15.59 6.75 7.12
CA GLU A 151 15.93 7.04 8.51
C GLU A 151 17.39 6.71 8.88
N ILE A 152 17.91 5.54 8.50
CA ILE A 152 19.26 5.18 8.93
C ILE A 152 20.42 5.74 8.03
N LYS A 153 20.12 6.16 6.82
CA LYS A 153 21.07 6.85 5.92
C LYS A 153 22.48 6.23 5.82
N MET A 154 22.55 4.99 5.32
CA MET A 154 23.79 4.26 5.10
C MET A 154 24.67 4.91 4.02
N THR A 155 25.98 4.68 4.11
CA THR A 155 26.99 5.20 3.20
C THR A 155 27.85 4.05 2.65
N ASP A 156 28.85 4.37 1.79
CA ASP A 156 29.77 3.41 1.19
C ASP A 156 30.66 2.69 2.20
N ASP A 157 30.72 3.20 3.45
CA ASP A 157 31.47 2.63 4.56
C ASP A 157 30.68 1.51 5.25
N ASP A 158 29.36 1.46 5.05
CA ASP A 158 28.50 0.48 5.70
C ASP A 158 28.46 -0.89 5.05
N LEU A 159 28.22 -1.89 5.89
CA LEU A 159 28.03 -3.29 5.52
C LEU A 159 26.69 -3.64 6.15
N PHE A 160 25.75 -4.07 5.30
CA PHE A 160 24.38 -4.40 5.72
C PHE A 160 24.16 -5.90 5.70
N VAL A 161 23.57 -6.44 6.79
CA VAL A 161 23.26 -7.86 6.87
C VAL A 161 21.80 -8.03 7.34
N ASP A 162 21.02 -8.85 6.61
CA ASP A 162 19.69 -9.26 7.02
C ASP A 162 19.83 -10.68 7.58
N LEU A 163 19.57 -10.86 8.90
CA LEU A 163 19.66 -12.15 9.62
C LEU A 163 18.33 -12.85 9.51
N GLY A 164 18.26 -13.82 8.61
CA GLY A 164 17.04 -14.55 8.29
C GLY A 164 16.39 -13.81 7.14
N SER A 165 17.07 -13.77 5.98
CA SER A 165 16.67 -12.96 4.83
C SER A 165 15.51 -13.51 3.96
N GLY A 166 14.97 -14.68 4.31
CA GLY A 166 13.88 -15.29 3.54
C GLY A 166 14.31 -15.55 2.10
N VAL A 167 13.56 -14.95 1.13
CA VAL A 167 13.88 -15.07 -0.30
C VAL A 167 14.79 -13.90 -0.76
N GLY A 168 15.21 -13.06 0.20
CA GLY A 168 16.14 -11.94 -0.01
C GLY A 168 15.57 -10.58 -0.35
N GLN A 169 14.25 -10.40 -0.20
CA GLN A 169 13.56 -9.16 -0.60
C GLN A 169 14.09 -7.86 0.04
N VAL A 170 14.40 -7.86 1.35
CA VAL A 170 14.93 -6.70 2.07
C VAL A 170 16.32 -6.34 1.52
N VAL A 171 17.17 -7.35 1.30
CA VAL A 171 18.52 -7.20 0.75
C VAL A 171 18.43 -6.58 -0.66
N LEU A 172 17.50 -7.07 -1.51
CA LEU A 172 17.32 -6.55 -2.87
C LEU A 172 16.87 -5.11 -2.84
N GLN A 173 15.92 -4.77 -1.93
CA GLN A 173 15.44 -3.39 -1.81
C GLN A 173 16.55 -2.43 -1.34
N VAL A 174 17.25 -2.82 -0.27
CA VAL A 174 18.31 -2.01 0.30
C VAL A 174 19.46 -1.86 -0.70
N ALA A 175 19.88 -2.97 -1.39
CA ALA A 175 20.92 -2.88 -2.42
C ALA A 175 20.49 -1.99 -3.59
N ALA A 176 19.19 -1.97 -3.95
CA ALA A 176 18.75 -1.10 -5.07
C ALA A 176 18.67 0.36 -4.63
N ALA A 177 18.50 0.62 -3.32
CA ALA A 177 18.37 1.98 -2.81
C ALA A 177 19.64 2.62 -2.21
N THR A 178 20.59 1.83 -1.68
CA THR A 178 21.75 2.43 -0.98
C THR A 178 23.10 2.22 -1.65
N ASN A 179 24.13 2.91 -1.14
CA ASN A 179 25.49 2.75 -1.63
C ASN A 179 26.39 1.99 -0.60
N CYS A 180 25.82 1.07 0.28
CA CYS A 180 26.63 0.23 1.19
C CYS A 180 27.65 -0.51 0.35
N LYS A 181 28.82 -0.74 0.93
CA LYS A 181 29.92 -1.51 0.34
C LYS A 181 29.37 -2.89 -0.11
N HIS A 182 28.55 -3.56 0.75
CA HIS A 182 27.99 -4.86 0.44
C HIS A 182 26.76 -5.12 1.31
N HIS A 183 25.83 -5.92 0.79
CA HIS A 183 24.57 -6.29 1.44
C HIS A 183 24.54 -7.80 1.49
N TYR A 184 24.29 -8.35 2.64
CA TYR A 184 24.25 -9.80 2.78
C TYR A 184 22.92 -10.21 3.30
N GLY A 185 22.47 -11.34 2.79
CA GLY A 185 21.29 -12.01 3.25
C GLY A 185 21.68 -13.42 3.62
N VAL A 186 21.38 -13.84 4.87
CA VAL A 186 21.64 -15.19 5.35
C VAL A 186 20.31 -15.86 5.73
N GLU A 187 20.01 -17.01 5.13
CA GLU A 187 18.79 -17.75 5.40
C GLU A 187 19.11 -19.23 5.65
N LYS A 188 18.60 -19.79 6.75
CA LYS A 188 18.85 -21.18 7.16
C LYS A 188 17.92 -22.14 6.45
N ALA A 189 16.61 -21.83 6.41
CA ALA A 189 15.58 -22.67 5.81
C ALA A 189 15.82 -22.95 4.33
N ASP A 190 15.72 -24.23 3.94
CA ASP A 190 15.95 -24.75 2.60
C ASP A 190 15.07 -24.16 1.49
N ILE A 191 13.73 -24.11 1.70
CA ILE A 191 12.78 -23.60 0.69
C ILE A 191 13.04 -22.10 0.36
N PRO A 192 13.12 -21.16 1.36
CA PRO A 192 13.37 -19.75 1.00
C PRO A 192 14.75 -19.52 0.39
N ALA A 193 15.79 -20.18 0.93
CA ALA A 193 17.18 -20.07 0.44
C ALA A 193 17.33 -20.55 -1.00
N LYS A 194 16.54 -21.58 -1.42
CA LYS A 194 16.53 -22.09 -2.79
C LYS A 194 15.88 -21.05 -3.71
N TYR A 195 14.76 -20.44 -3.26
CA TYR A 195 14.04 -19.40 -3.99
C TYR A 195 14.89 -18.12 -4.14
N ALA A 196 15.69 -17.79 -3.09
CA ALA A 196 16.65 -16.67 -3.07
C ALA A 196 17.65 -16.74 -4.24
N GLU A 197 18.04 -17.98 -4.65
CA GLU A 197 18.96 -18.21 -5.77
C GLU A 197 18.33 -17.72 -7.09
N THR A 198 17.03 -17.99 -7.28
CA THR A 198 16.27 -17.52 -8.44
C THR A 198 15.99 -16.03 -8.30
N MET A 199 15.67 -15.53 -7.07
CA MET A 199 15.41 -14.10 -6.82
C MET A 199 16.64 -13.27 -7.24
N ASP A 200 17.83 -13.73 -6.87
CA ASP A 200 19.12 -13.15 -7.20
C ASP A 200 19.30 -13.02 -8.73
N ARG A 201 19.18 -14.15 -9.47
CA ARG A 201 19.28 -14.18 -10.94
C ARG A 201 18.25 -13.25 -11.58
N GLU A 202 16.96 -13.41 -11.22
CA GLU A 202 15.85 -12.60 -11.75
C GLU A 202 16.04 -11.11 -11.49
N PHE A 203 16.52 -10.75 -10.28
CA PHE A 203 16.78 -9.34 -9.93
C PHE A 203 17.89 -8.75 -10.82
N ARG A 204 19.05 -9.43 -10.91
CA ARG A 204 20.15 -8.93 -11.73
C ARG A 204 19.71 -8.76 -13.20
N LYS A 205 18.99 -9.77 -13.74
CA LYS A 205 18.47 -9.76 -15.11
C LYS A 205 17.48 -8.60 -15.35
N TRP A 206 16.46 -8.46 -14.49
CA TRP A 206 15.46 -7.40 -14.65
C TRP A 206 16.06 -6.00 -14.47
N MET A 207 16.99 -5.82 -13.52
CA MET A 207 17.66 -4.53 -13.31
C MET A 207 18.45 -4.11 -14.55
N LYS A 208 19.10 -5.10 -15.22
CA LYS A 208 19.81 -4.85 -16.48
C LYS A 208 18.78 -4.49 -17.54
N TRP A 209 17.62 -5.20 -17.58
CA TRP A 209 16.58 -4.93 -18.58
C TRP A 209 16.10 -3.48 -18.53
N TYR A 210 15.88 -2.93 -17.33
CA TYR A 210 15.43 -1.55 -17.14
C TYR A 210 16.56 -0.54 -17.26
N GLY A 211 17.81 -1.00 -17.11
CA GLY A 211 19.01 -0.16 -17.13
C GLY A 211 19.24 0.52 -15.81
N LYS A 212 18.96 -0.20 -14.71
CA LYS A 212 19.07 0.32 -13.35
C LYS A 212 20.22 -0.25 -12.57
N LYS A 213 20.88 0.62 -11.82
CA LYS A 213 22.04 0.31 -10.97
C LYS A 213 21.56 -0.15 -9.58
N HIS A 214 22.33 -1.04 -8.96
CA HIS A 214 22.16 -1.52 -7.59
C HIS A 214 23.54 -1.73 -7.01
N ALA A 215 23.64 -1.72 -5.68
CA ALA A 215 24.89 -1.98 -4.96
C ALA A 215 25.15 -3.48 -5.02
N GLU A 216 26.35 -3.90 -4.61
CA GLU A 216 26.75 -5.29 -4.54
C GLU A 216 26.02 -5.98 -3.41
N TYR A 217 25.60 -7.23 -3.66
CA TYR A 217 24.88 -8.02 -2.65
C TYR A 217 25.16 -9.51 -2.82
N THR A 218 24.93 -10.27 -1.76
CA THR A 218 25.10 -11.72 -1.72
C THR A 218 23.98 -12.28 -0.87
N LEU A 219 23.26 -13.24 -1.42
CA LEU A 219 22.24 -14.01 -0.72
C LEU A 219 22.84 -15.40 -0.50
N GLU A 220 22.95 -15.83 0.74
CA GLU A 220 23.55 -17.13 1.06
C GLU A 220 22.73 -17.94 2.05
N ARG A 221 22.91 -19.27 2.00
CA ARG A 221 22.27 -20.20 2.90
C ARG A 221 23.22 -20.35 4.09
N GLY A 222 22.68 -20.37 5.29
CA GLY A 222 23.48 -20.53 6.50
C GLY A 222 22.75 -20.23 7.78
N ASP A 223 23.38 -20.58 8.91
CA ASP A 223 22.87 -20.35 10.27
C ASP A 223 23.62 -19.13 10.82
N PHE A 224 22.88 -18.06 11.12
CA PHE A 224 23.49 -16.83 11.62
C PHE A 224 24.01 -16.98 13.08
N LEU A 225 23.71 -18.12 13.72
CA LEU A 225 24.21 -18.43 15.06
C LEU A 225 25.46 -19.35 15.05
N SER A 226 25.98 -19.70 13.85
CA SER A 226 27.17 -20.53 13.69
C SER A 226 28.45 -19.77 14.07
N GLU A 227 29.56 -20.50 14.23
CA GLU A 227 30.86 -19.92 14.60
C GLU A 227 31.39 -18.94 13.56
N GLU A 228 31.27 -19.31 12.27
CA GLU A 228 31.66 -18.50 11.12
C GLU A 228 30.94 -17.13 11.17
N TRP A 229 29.65 -17.16 11.51
CA TRP A 229 28.82 -15.95 11.55
C TRP A 229 29.07 -15.03 12.76
N ARG A 230 29.79 -15.52 13.79
CA ARG A 230 30.14 -14.73 14.99
C ARG A 230 30.96 -13.48 14.64
N GLU A 231 32.07 -13.66 13.90
CA GLU A 231 32.94 -12.57 13.51
C GLU A 231 32.32 -11.73 12.41
N ARG A 232 31.44 -12.36 11.58
CA ARG A 232 30.73 -11.68 10.49
C ARG A 232 29.74 -10.66 11.03
N ILE A 233 29.01 -11.01 12.12
CA ILE A 233 28.12 -10.09 12.83
C ILE A 233 28.96 -8.99 13.52
N ALA A 234 30.10 -9.37 14.17
CA ALA A 234 30.99 -8.42 14.86
C ALA A 234 31.50 -7.32 13.91
N ASN A 235 31.71 -7.66 12.63
CA ASN A 235 32.20 -6.73 11.62
C ASN A 235 31.10 -6.02 10.82
N THR A 236 29.81 -6.28 11.11
CA THR A 236 28.67 -5.67 10.42
C THR A 236 28.34 -4.29 11.01
N SER A 237 28.11 -3.30 10.16
CA SER A 237 27.80 -1.96 10.66
C SER A 237 26.28 -1.74 10.81
N VAL A 238 25.47 -2.46 10.01
CA VAL A 238 24.01 -2.38 10.05
C VAL A 238 23.42 -3.81 9.94
N ILE A 239 22.81 -4.29 11.03
CA ILE A 239 22.10 -5.58 11.10
C ILE A 239 20.58 -5.26 11.00
N PHE A 240 19.87 -6.07 10.22
CA PHE A 240 18.43 -6.00 10.08
C PHE A 240 17.98 -7.39 10.55
N VAL A 241 17.07 -7.45 11.53
CA VAL A 241 16.62 -8.75 12.03
C VAL A 241 15.16 -8.69 12.48
N ASN A 242 14.31 -9.50 11.84
CA ASN A 242 12.91 -9.61 12.22
C ASN A 242 12.85 -10.62 13.37
N ASN A 243 13.13 -10.14 14.59
CA ASN A 243 13.21 -10.96 15.80
C ASN A 243 11.86 -11.07 16.53
N PHE A 244 10.79 -10.53 15.92
CA PHE A 244 9.45 -10.50 16.48
C PHE A 244 9.01 -11.82 17.14
N ALA A 245 9.18 -12.97 16.45
CA ALA A 245 8.75 -14.30 16.93
C ALA A 245 9.89 -15.17 17.50
N PHE A 246 11.06 -14.59 17.75
CA PHE A 246 12.21 -15.34 18.30
C PHE A 246 12.00 -15.78 19.75
N GLY A 247 12.49 -16.98 20.04
CA GLY A 247 12.47 -17.55 21.39
C GLY A 247 13.53 -16.93 22.28
N PRO A 248 13.50 -17.22 23.61
CA PRO A 248 14.51 -16.62 24.52
C PRO A 248 15.95 -17.03 24.23
N GLU A 249 16.15 -18.26 23.73
CA GLU A 249 17.47 -18.82 23.42
C GLU A 249 18.14 -18.15 22.24
N VAL A 250 17.38 -17.95 21.15
CA VAL A 250 17.87 -17.28 19.94
C VAL A 250 18.12 -15.81 20.29
N ASP A 251 17.25 -15.21 21.11
CA ASP A 251 17.38 -13.83 21.54
C ASP A 251 18.66 -13.65 22.39
N HIS A 252 18.93 -14.61 23.31
CA HIS A 252 20.10 -14.64 24.18
C HIS A 252 21.39 -14.78 23.36
N GLN A 253 21.41 -15.74 22.44
CA GLN A 253 22.53 -16.00 21.54
C GLN A 253 22.84 -14.77 20.67
N LEU A 254 21.80 -14.10 20.12
CA LEU A 254 21.95 -12.88 19.30
C LEU A 254 22.60 -11.75 20.07
N LYS A 255 22.14 -11.48 21.29
CA LYS A 255 22.71 -10.45 22.17
C LYS A 255 24.20 -10.75 22.42
N GLU A 256 24.56 -12.04 22.53
CA GLU A 256 25.94 -12.45 22.71
C GLU A 256 26.77 -12.08 21.47
N ARG A 257 26.19 -12.23 20.26
CA ARG A 257 26.84 -11.86 18.99
C ARG A 257 26.96 -10.33 18.91
N PHE A 258 25.90 -9.59 19.27
CA PHE A 258 25.87 -8.12 19.20
C PHE A 258 26.86 -7.45 20.11
N ALA A 259 27.17 -8.09 21.25
CA ALA A 259 28.12 -7.63 22.26
C ALA A 259 29.57 -7.52 21.74
N ASN A 260 29.87 -8.16 20.60
CA ASN A 260 31.16 -8.08 19.91
C ASN A 260 31.16 -7.02 18.80
N MET A 261 30.03 -6.36 18.54
CA MET A 261 29.96 -5.32 17.49
C MET A 261 30.77 -4.07 17.86
N LYS A 262 31.14 -3.28 16.83
CA LYS A 262 31.96 -2.07 17.01
C LYS A 262 31.11 -0.88 17.45
N GLU A 263 31.72 0.18 18.04
CA GLU A 263 30.99 1.40 18.43
C GLU A 263 30.30 1.94 17.20
N GLY A 264 29.06 2.42 17.37
CA GLY A 264 28.30 2.98 16.27
C GLY A 264 27.62 1.95 15.38
N GLY A 265 27.86 0.66 15.66
CA GLY A 265 27.24 -0.47 14.97
C GLY A 265 25.75 -0.40 15.26
N ARG A 266 24.91 -0.69 14.25
CA ARG A 266 23.47 -0.55 14.41
C ARG A 266 22.69 -1.83 14.13
N ILE A 267 21.62 -2.03 14.90
CA ILE A 267 20.71 -3.16 14.79
C ILE A 267 19.27 -2.59 14.63
N VAL A 268 18.62 -2.95 13.53
CA VAL A 268 17.25 -2.55 13.21
C VAL A 268 16.40 -3.78 13.40
N SER A 269 15.45 -3.73 14.32
CA SER A 269 14.66 -4.91 14.65
C SER A 269 13.19 -4.62 14.84
N SER A 270 12.37 -5.68 14.92
CA SER A 270 10.92 -5.55 15.11
C SER A 270 10.52 -5.60 16.61
N LYS A 271 11.46 -6.02 17.47
CA LYS A 271 11.24 -6.09 18.90
C LYS A 271 12.55 -5.63 19.57
N PRO A 272 12.50 -4.77 20.60
CA PRO A 272 13.77 -4.29 21.20
C PRO A 272 14.59 -5.37 21.91
N PHE A 273 15.92 -5.33 21.74
CA PHE A 273 16.85 -6.26 22.40
C PHE A 273 17.21 -5.80 23.81
N ALA A 274 16.91 -4.54 24.15
CA ALA A 274 17.14 -4.00 25.49
C ALA A 274 15.99 -3.04 25.80
N PRO A 275 15.66 -2.77 27.08
CA PRO A 275 14.52 -1.89 27.36
C PRO A 275 14.77 -0.46 26.89
N LEU A 276 13.68 0.21 26.51
CA LEU A 276 13.73 1.60 26.02
C LEU A 276 14.11 2.57 27.16
N ASN A 277 13.78 2.18 28.40
CA ASN A 277 14.00 2.97 29.60
C ASN A 277 15.14 2.39 30.45
N PHE A 278 16.04 1.57 29.83
CA PHE A 278 17.16 0.96 30.53
C PHE A 278 17.94 1.96 31.37
N ARG A 279 18.08 1.67 32.65
CA ARG A 279 18.83 2.46 33.62
C ARG A 279 19.88 1.56 34.24
N ILE A 280 21.13 1.82 33.89
CA ILE A 280 22.26 1.07 34.39
C ILE A 280 22.38 1.20 35.91
N ASN A 281 22.59 0.09 36.58
CA ASN A 281 22.80 0.04 38.03
C ASN A 281 23.72 -1.12 38.37
N SER A 282 23.96 -1.36 39.66
CA SER A 282 24.84 -2.44 40.12
C SER A 282 24.29 -3.86 39.88
N ARG A 283 22.96 -4.00 39.65
CA ARG A 283 22.32 -5.31 39.47
C ARG A 283 22.11 -5.74 38.03
N ASN A 284 22.40 -4.88 37.06
CA ASN A 284 22.16 -5.18 35.63
C ASN A 284 23.37 -4.93 34.72
N LEU A 285 24.61 -5.03 35.26
CA LEU A 285 25.85 -4.78 34.51
C LEU A 285 26.14 -5.84 33.41
N SER A 286 25.42 -6.97 33.44
CA SER A 286 25.52 -8.08 32.51
C SER A 286 24.63 -7.89 31.30
N ASP A 287 23.63 -7.01 31.41
CA ASP A 287 22.65 -6.77 30.37
C ASP A 287 23.19 -5.99 29.17
N ILE A 288 22.70 -6.32 27.96
CA ILE A 288 23.09 -5.68 26.71
C ILE A 288 22.78 -4.17 26.71
N GLY A 289 21.82 -3.74 27.54
CA GLY A 289 21.45 -2.33 27.68
C GLY A 289 22.59 -1.44 28.12
N THR A 290 23.62 -2.04 28.75
CA THR A 290 24.82 -1.33 29.21
C THR A 290 25.70 -0.88 28.07
N ILE A 291 25.54 -1.47 26.87
CA ILE A 291 26.40 -1.11 25.74
C ILE A 291 25.61 -0.68 24.50
N MET A 292 24.31 -0.42 24.60
CA MET A 292 23.60 0.05 23.41
C MET A 292 22.49 1.01 23.70
N ARG A 293 22.35 2.00 22.82
CA ARG A 293 21.24 2.94 22.82
C ARG A 293 20.12 2.19 22.07
N VAL A 294 18.87 2.47 22.47
CA VAL A 294 17.70 1.86 21.85
C VAL A 294 16.65 2.95 21.73
N VAL A 295 16.12 3.11 20.51
CA VAL A 295 15.06 4.07 20.22
C VAL A 295 13.94 3.36 19.45
N GLU A 296 12.69 3.71 19.76
CA GLU A 296 11.55 3.23 19.02
C GLU A 296 11.30 4.24 17.92
N LEU A 297 11.22 3.76 16.68
CA LEU A 297 10.94 4.58 15.52
C LEU A 297 9.59 4.24 14.93
N SER A 298 8.95 5.23 14.36
CA SER A 298 7.65 5.00 13.73
C SER A 298 7.46 5.92 12.57
N PRO A 299 7.05 5.39 11.41
CA PRO A 299 6.72 6.30 10.28
C PRO A 299 5.61 7.33 10.65
N LEU A 300 4.68 6.98 11.56
CA LEU A 300 3.62 7.87 12.06
C LEU A 300 4.13 9.12 12.84
N LYS A 301 5.35 9.07 13.41
CA LYS A 301 5.98 10.17 14.12
C LYS A 301 6.67 11.15 13.16
N SER A 305 4.61 11.97 6.02
CA SER A 305 3.32 11.58 5.45
C SER A 305 3.20 10.04 5.27
N TRP A 306 2.75 9.36 6.34
CA TRP A 306 2.52 7.92 6.39
C TRP A 306 1.05 7.68 6.65
N THR A 307 0.40 6.87 5.81
CA THR A 307 -1.01 6.54 5.99
C THR A 307 -1.19 5.02 6.07
N GLY A 308 -0.09 4.26 6.15
CA GLY A 308 -0.12 2.81 6.27
C GLY A 308 -0.49 2.35 7.68
N LYS A 309 -0.13 1.10 8.03
CA LYS A 309 -0.39 0.50 9.36
C LYS A 309 0.36 1.21 10.46
N PRO A 310 -0.20 1.23 11.70
CA PRO A 310 0.52 1.90 12.80
C PRO A 310 1.68 1.01 13.32
N VAL A 311 2.71 0.90 12.53
CA VAL A 311 3.87 0.07 12.80
C VAL A 311 4.97 0.86 13.52
N SER A 312 5.84 0.10 14.17
CA SER A 312 6.98 0.54 14.93
C SER A 312 8.16 -0.36 14.61
N TYR A 313 9.37 0.17 14.80
CA TYR A 313 10.61 -0.60 14.69
C TYR A 313 11.62 -0.02 15.68
N TYR A 314 12.68 -0.79 15.96
CA TYR A 314 13.65 -0.43 16.99
C TYR A 314 15.05 -0.31 16.42
N LEU A 315 15.66 0.84 16.65
CA LEU A 315 17.02 1.13 16.26
C LEU A 315 17.94 1.04 17.51
N HIS A 316 18.92 0.11 17.48
CA HIS A 316 19.91 -0.07 18.54
C HIS A 316 21.27 0.43 18.04
N THR A 317 22.00 1.21 18.84
CA THR A 317 23.30 1.72 18.45
C THR A 317 24.32 1.34 19.53
N ILE A 318 25.34 0.56 19.15
CA ILE A 318 26.42 0.17 20.06
C ILE A 318 27.09 1.44 20.58
N ASP A 319 27.11 1.58 21.90
CA ASP A 319 27.72 2.72 22.57
C ASP A 319 28.20 2.30 23.97
N ARG A 320 29.48 1.95 24.07
CA ARG A 320 30.10 1.50 25.32
C ARG A 320 30.37 2.64 26.28
N THR A 321 30.12 3.91 25.88
CA THR A 321 30.24 5.04 26.82
C THR A 321 29.11 4.95 27.90
N ILE A 322 28.01 4.25 27.65
CA ILE A 322 26.94 4.05 28.64
C ILE A 322 27.60 3.37 29.84
N LEU A 323 28.33 2.26 29.58
CA LEU A 323 29.04 1.50 30.60
C LEU A 323 30.20 2.33 31.21
N GLU A 324 30.96 3.03 30.35
CA GLU A 324 32.09 3.84 30.82
C GLU A 324 31.65 4.93 31.81
N ASN A 325 30.55 5.66 31.47
CA ASN A 325 30.00 6.75 32.30
C ASN A 325 29.56 6.26 33.65
N TYR A 326 29.02 5.04 33.71
CA TYR A 326 28.62 4.41 34.98
C TYR A 326 29.85 4.18 35.87
N PHE A 327 30.94 3.56 35.35
CA PHE A 327 32.18 3.35 36.14
C PHE A 327 32.82 4.68 36.51
N SER A 328 32.82 5.64 35.59
CA SER A 328 33.35 7.01 35.74
C SER A 328 32.62 7.72 36.90
N SER A 329 31.29 7.55 37.00
CA SER A 329 30.44 8.12 38.06
C SER A 329 30.69 7.50 39.42
N LEU A 330 31.13 6.22 39.47
CA LEU A 330 31.47 5.53 40.72
C LEU A 330 32.78 6.06 41.30
N LYS A 331 33.74 6.38 40.41
CA LYS A 331 35.08 6.87 40.77
C LYS A 331 35.07 8.38 41.00
N ASN A 332 34.05 9.09 40.47
CA ASN A 332 33.90 10.55 40.57
C ASN A 332 32.50 10.92 41.15
N PRO A 333 32.25 10.70 42.46
CA PRO A 333 30.93 11.05 43.02
C PRO A 333 30.83 12.53 43.33
N LYS B 5 -18.06 -14.60 28.14
CA LYS B 5 -16.83 -15.07 28.78
C LYS B 5 -15.66 -15.24 27.78
N LEU B 6 -15.81 -16.12 26.76
CA LEU B 6 -14.78 -16.34 25.74
C LEU B 6 -14.80 -15.20 24.78
N GLU B 7 -14.26 -14.05 25.21
CA GLU B 7 -14.32 -12.84 24.38
C GLU B 7 -13.34 -11.78 24.83
N LEU B 8 -13.13 -10.79 23.94
CA LEU B 8 -12.26 -9.63 24.14
C LEU B 8 -13.07 -8.39 23.87
N ARG B 9 -12.96 -7.39 24.77
CA ARG B 9 -13.75 -6.14 24.64
C ARG B 9 -12.84 -4.93 24.57
N LEU B 10 -13.16 -4.00 23.64
CA LEU B 10 -12.48 -2.71 23.52
C LEU B 10 -13.46 -1.60 23.79
N LYS B 11 -13.20 -0.79 24.85
CA LYS B 11 -14.06 0.36 25.17
C LYS B 11 -13.83 1.45 24.15
N SER B 12 -14.91 2.09 23.77
CA SER B 12 -14.88 3.17 22.82
C SER B 12 -14.22 4.42 23.46
N PRO B 13 -13.34 5.17 22.74
CA PRO B 13 -12.79 6.40 23.32
C PRO B 13 -13.82 7.53 23.52
N VAL B 14 -15.01 7.44 22.89
CA VAL B 14 -16.03 8.50 23.01
C VAL B 14 -17.27 8.04 23.77
N GLY B 15 -17.21 6.87 24.39
CA GLY B 15 -18.34 6.37 25.18
C GLY B 15 -19.42 5.62 24.43
N ALA B 16 -19.18 5.28 23.15
CA ALA B 16 -20.11 4.45 22.37
C ALA B 16 -20.05 2.99 22.95
N GLU B 17 -20.92 2.08 22.48
CA GLU B 17 -20.96 0.68 22.91
C GLU B 17 -19.59 0.00 22.64
N PRO B 18 -19.10 -0.86 23.55
CA PRO B 18 -17.79 -1.46 23.33
C PRO B 18 -17.74 -2.39 22.13
N ALA B 19 -16.53 -2.57 21.54
CA ALA B 19 -16.33 -3.50 20.45
C ALA B 19 -16.11 -4.86 21.13
N VAL B 20 -16.92 -5.87 20.77
CA VAL B 20 -16.84 -7.19 21.40
C VAL B 20 -16.41 -8.21 20.35
N TYR B 21 -15.33 -8.91 20.63
CA TYR B 21 -14.81 -9.93 19.72
C TYR B 21 -14.91 -11.29 20.42
N PRO B 22 -15.37 -12.37 19.77
CA PRO B 22 -15.32 -13.68 20.46
C PRO B 22 -13.90 -14.27 20.42
N TRP B 23 -13.58 -15.15 21.37
CA TRP B 23 -12.33 -15.91 21.34
C TRP B 23 -12.76 -17.37 21.13
N PRO B 24 -12.11 -18.18 20.25
CA PRO B 24 -11.00 -17.84 19.33
C PRO B 24 -11.45 -16.79 18.33
N LEU B 25 -10.54 -15.89 18.00
CA LEU B 25 -10.82 -14.76 17.13
C LEU B 25 -11.12 -15.17 15.68
N PRO B 26 -11.96 -14.41 14.95
CA PRO B 26 -12.19 -14.75 13.54
C PRO B 26 -10.92 -14.66 12.68
N VAL B 27 -10.83 -15.53 11.67
CA VAL B 27 -9.71 -15.55 10.71
C VAL B 27 -10.13 -14.70 9.51
N TYR B 28 -9.27 -13.78 9.07
CA TYR B 28 -9.59 -12.93 7.94
C TYR B 28 -8.94 -13.43 6.59
N ASP B 29 -7.69 -13.97 6.66
CA ASP B 29 -6.86 -14.45 5.53
C ASP B 29 -6.78 -13.48 4.36
N HIS B 32 -4.67 -10.57 6.61
CA HIS B 32 -5.36 -9.95 7.73
C HIS B 32 -5.66 -10.93 8.90
N ASP B 33 -5.71 -10.38 10.14
CA ASP B 33 -5.97 -11.16 11.36
C ASP B 33 -6.76 -10.33 12.39
N ALA B 34 -7.81 -10.88 13.03
CA ALA B 34 -8.58 -10.12 14.04
C ALA B 34 -7.76 -9.69 15.26
N ALA B 35 -6.73 -10.46 15.64
CA ALA B 35 -5.85 -10.06 16.75
C ALA B 35 -5.05 -8.83 16.37
N HIS B 36 -4.54 -8.77 15.13
CA HIS B 36 -3.79 -7.64 14.60
C HIS B 36 -4.67 -6.42 14.44
N GLU B 37 -5.92 -6.63 14.04
CA GLU B 37 -6.93 -5.58 14.00
C GLU B 37 -7.14 -4.98 15.40
N ILE B 38 -7.19 -5.81 16.45
CA ILE B 38 -7.35 -5.33 17.84
C ILE B 38 -6.16 -4.41 18.24
N ILE B 39 -4.94 -4.88 18.00
CA ILE B 39 -3.71 -4.15 18.35
C ILE B 39 -3.63 -2.84 17.55
N GLU B 40 -3.91 -2.90 16.24
CA GLU B 40 -3.90 -1.69 15.41
C GLU B 40 -4.99 -0.69 15.80
N THR B 41 -6.17 -1.17 16.20
CA THR B 41 -7.23 -0.28 16.70
C THR B 41 -6.71 0.50 17.93
N ILE B 42 -6.12 -0.23 18.89
CA ILE B 42 -5.55 0.34 20.13
C ILE B 42 -4.49 1.43 19.79
N ARG B 43 -3.57 1.08 18.89
CA ARG B 43 -2.51 1.98 18.41
C ARG B 43 -3.09 3.21 17.72
N TRP B 44 -4.11 3.04 16.89
CA TRP B 44 -4.75 4.17 16.24
C TRP B 44 -5.41 5.11 17.25
N VAL B 45 -6.12 4.55 18.24
CA VAL B 45 -6.79 5.39 19.26
C VAL B 45 -5.72 6.15 20.07
N CYS B 46 -4.61 5.49 20.41
CA CYS B 46 -3.51 6.12 21.12
C CYS B 46 -2.82 7.22 20.34
N GLU B 47 -2.67 7.03 19.03
CA GLU B 47 -2.05 8.02 18.15
C GLU B 47 -2.92 9.29 18.07
N GLU B 48 -4.21 9.11 18.07
CA GLU B 48 -5.14 10.21 17.94
C GLU B 48 -5.44 10.93 19.24
N ILE B 49 -5.36 10.22 20.39
CA ILE B 49 -5.64 10.83 21.69
C ILE B 49 -4.34 10.87 22.51
N PRO B 50 -3.64 12.03 22.52
CA PRO B 50 -2.36 12.11 23.27
C PRO B 50 -2.45 11.82 24.76
N ASP B 51 -3.55 12.19 25.43
CA ASP B 51 -3.73 11.91 26.87
C ASP B 51 -3.80 10.39 27.11
N LEU B 52 -4.37 9.66 26.13
CA LEU B 52 -4.52 8.20 26.17
C LEU B 52 -3.18 7.49 26.03
N LYS B 53 -2.32 7.97 25.12
CA LYS B 53 -0.96 7.46 24.94
C LYS B 53 -0.17 7.70 26.22
N LEU B 54 -0.40 8.87 26.89
CA LEU B 54 0.21 9.15 28.19
C LEU B 54 -0.27 8.18 29.26
N ALA B 55 -1.62 7.97 29.35
CA ALA B 55 -2.20 7.14 30.39
C ALA B 55 -1.85 5.65 30.23
N MET B 56 -1.78 5.17 29.02
CA MET B 56 -1.53 3.75 28.80
C MET B 56 -0.05 3.31 29.10
N GLU B 57 0.11 2.19 29.86
CA GLU B 57 1.43 1.60 30.19
C GLU B 57 1.80 0.89 28.89
N ASN B 58 2.58 1.59 28.08
CA ASN B 58 2.83 1.19 26.71
C ASN B 58 3.80 -0.01 26.49
N TYR B 59 4.41 -0.56 27.57
CA TYR B 59 5.24 -1.77 27.43
C TYR B 59 4.38 -2.94 26.91
N VAL B 60 3.05 -2.90 27.17
CA VAL B 60 2.15 -3.98 26.78
C VAL B 60 2.04 -4.12 25.24
N LEU B 61 2.24 -3.02 24.47
CA LEU B 61 2.14 -3.06 23.02
C LEU B 61 3.39 -3.70 22.35
N ILE B 62 4.41 -4.01 23.14
CA ILE B 62 5.62 -4.68 22.70
C ILE B 62 5.45 -6.18 23.03
N ASP B 63 5.12 -6.46 24.31
CA ASP B 63 4.94 -7.78 24.92
C ASP B 63 3.50 -8.32 24.85
N TYR B 64 3.18 -9.06 23.76
CA TYR B 64 1.88 -9.70 23.56
C TYR B 64 2.02 -10.98 22.76
N ASP B 65 1.11 -11.94 22.98
CA ASP B 65 1.08 -13.19 22.23
C ASP B 65 -0.35 -13.27 21.68
N THR B 66 -0.50 -13.09 20.35
CA THR B 66 -1.79 -13.15 19.68
C THR B 66 -2.46 -14.53 19.82
N LYS B 67 -1.65 -15.58 20.08
CA LYS B 67 -2.12 -16.96 20.25
C LYS B 67 -2.46 -17.27 21.70
N SER B 68 -2.42 -16.27 22.58
CA SER B 68 -2.73 -16.48 24.00
C SER B 68 -3.91 -15.64 24.42
N PHE B 69 -5.01 -16.28 24.88
CA PHE B 69 -6.21 -15.58 25.35
C PHE B 69 -5.91 -14.60 26.50
N GLU B 70 -5.15 -15.07 27.49
CA GLU B 70 -4.74 -14.31 28.68
C GLU B 70 -3.86 -13.12 28.31
N SER B 71 -2.91 -13.32 27.40
CA SER B 71 -2.05 -12.24 26.91
C SER B 71 -2.87 -11.17 26.15
N MET B 72 -3.82 -11.61 25.30
CA MET B 72 -4.69 -10.69 24.55
C MET B 72 -5.64 -9.91 25.47
N GLN B 73 -6.15 -10.60 26.47
CA GLN B 73 -7.06 -10.05 27.50
C GLN B 73 -6.37 -8.97 28.34
N ARG B 74 -5.08 -9.16 28.66
CA ARG B 74 -4.25 -8.24 29.45
C ARG B 74 -4.01 -6.96 28.64
N LEU B 75 -3.75 -7.11 27.33
CA LEU B 75 -3.55 -5.99 26.42
C LEU B 75 -4.85 -5.12 26.36
N CYS B 76 -6.02 -5.76 26.19
CA CYS B 76 -7.33 -5.11 26.17
C CYS B 76 -7.63 -4.45 27.49
N ASP B 77 -7.28 -5.11 28.62
CA ASP B 77 -7.50 -4.56 29.96
C ASP B 77 -6.70 -3.26 30.18
N LYS B 78 -5.41 -3.23 29.79
CA LYS B 78 -4.54 -2.06 29.87
C LYS B 78 -5.13 -0.89 29.07
N TYR B 79 -5.56 -1.17 27.84
CA TYR B 79 -6.20 -0.16 27.01
C TYR B 79 -7.50 0.34 27.68
N ASN B 80 -8.36 -0.57 28.16
CA ASN B 80 -9.64 -0.21 28.77
C ASN B 80 -9.51 0.59 30.04
N ARG B 81 -8.46 0.33 30.83
CA ARG B 81 -8.18 1.04 32.07
C ARG B 81 -7.67 2.44 31.74
N ALA B 82 -6.89 2.57 30.68
CA ALA B 82 -6.37 3.87 30.23
C ALA B 82 -7.55 4.76 29.77
N ILE B 83 -8.54 4.17 29.08
CA ILE B 83 -9.79 4.80 28.62
C ILE B 83 -10.57 5.30 29.84
N ASP B 84 -10.69 4.46 30.87
CA ASP B 84 -11.37 4.83 32.12
C ASP B 84 -10.70 6.01 32.79
N SER B 85 -9.35 6.05 32.81
CA SER B 85 -8.62 7.18 33.42
C SER B 85 -8.87 8.48 32.70
N ILE B 86 -8.78 8.44 31.38
CA ILE B 86 -8.99 9.57 30.46
C ILE B 86 -10.43 10.11 30.60
N HIS B 87 -11.42 9.21 30.74
CA HIS B 87 -12.79 9.58 30.99
C HIS B 87 -12.93 10.25 32.36
N GLN B 88 -12.13 9.83 33.38
CA GLN B 88 -12.15 10.51 34.66
C GLN B 88 -11.51 11.91 34.52
N LEU B 89 -10.35 12.00 33.85
CA LEU B 89 -9.63 13.26 33.62
C LEU B 89 -10.53 14.29 32.91
N TRP B 90 -11.22 13.85 31.86
CA TRP B 90 -12.10 14.70 31.10
C TRP B 90 -13.36 15.12 31.88
N LYS B 91 -13.78 14.30 32.87
CA LYS B 91 -14.91 14.57 33.77
C LYS B 91 -14.54 15.82 34.58
N GLY B 92 -13.33 15.85 35.15
CA GLY B 92 -12.80 16.96 35.93
C GLY B 92 -12.39 18.18 35.12
N THR B 93 -12.19 18.05 33.80
CA THR B 93 -11.75 19.18 32.96
C THR B 93 -12.80 19.63 31.94
N LEU B 99 -16.70 16.44 19.81
CA LEU B 99 -15.48 16.39 19.01
C LEU B 99 -15.60 15.47 17.74
N ASN B 100 -16.83 15.38 17.12
CA ASN B 100 -17.07 14.58 15.91
C ASN B 100 -16.38 15.21 14.68
N THR B 101 -15.10 14.83 14.51
CA THR B 101 -14.19 15.28 13.44
C THR B 101 -14.08 14.22 12.34
N ARG B 102 -13.55 14.59 11.16
CA ARG B 102 -13.37 13.64 10.08
C ARG B 102 -12.14 12.77 10.35
N PRO B 103 -12.16 11.48 9.95
CA PRO B 103 -10.97 10.65 10.21
C PRO B 103 -9.77 11.06 9.36
N SER B 104 -8.56 10.92 9.88
CA SER B 104 -7.32 11.16 9.13
C SER B 104 -7.29 10.08 8.03
N THR B 105 -6.45 10.24 7.01
CA THR B 105 -6.34 9.25 5.92
C THR B 105 -5.89 7.89 6.45
N GLY B 106 -4.90 7.89 7.35
CA GLY B 106 -4.41 6.65 7.95
C GLY B 106 -5.50 5.91 8.72
N LEU B 107 -6.24 6.64 9.55
CA LEU B 107 -7.32 6.02 10.34
C LEU B 107 -8.44 5.49 9.41
N LEU B 108 -8.79 6.26 8.38
CA LEU B 108 -9.81 5.87 7.41
C LEU B 108 -9.44 4.55 6.70
N ARG B 109 -8.18 4.39 6.32
CA ARG B 109 -7.71 3.15 5.68
C ARG B 109 -7.98 1.97 6.64
N HIS B 110 -7.62 2.14 7.91
CA HIS B 110 -7.86 1.14 8.96
C HIS B 110 -9.36 0.86 9.11
N ILE B 111 -10.19 1.91 9.26
CA ILE B 111 -11.63 1.79 9.43
C ILE B 111 -12.28 1.01 8.26
N LEU B 112 -11.92 1.34 7.00
CA LEU B 112 -12.50 0.66 5.84
C LEU B 112 -12.14 -0.82 5.78
N GLN B 113 -10.88 -1.15 6.09
CA GLN B 113 -10.43 -2.54 6.14
C GLN B 113 -11.17 -3.30 7.25
N GLN B 114 -11.27 -2.68 8.44
CA GLN B 114 -11.96 -3.18 9.61
C GLN B 114 -13.44 -3.49 9.27
N VAL B 115 -14.13 -2.51 8.63
CA VAL B 115 -15.52 -2.66 8.19
C VAL B 115 -15.66 -3.84 7.22
N TYR B 116 -14.77 -3.94 6.23
CA TYR B 116 -14.78 -5.04 5.27
C TYR B 116 -14.64 -6.44 5.97
N ASN B 117 -13.64 -6.60 6.86
CA ASN B 117 -13.33 -7.83 7.59
C ASN B 117 -14.49 -8.31 8.49
N HIS B 118 -15.27 -7.36 9.04
CA HIS B 118 -16.44 -7.65 9.84
C HIS B 118 -17.68 -7.91 8.97
N SER B 119 -17.66 -7.50 7.69
CA SER B 119 -18.84 -7.63 6.81
C SER B 119 -18.81 -8.78 5.85
N VAL B 120 -17.70 -8.93 5.11
CA VAL B 120 -17.53 -9.93 4.07
C VAL B 120 -16.79 -11.10 4.68
N THR B 121 -17.56 -11.95 5.39
CA THR B 121 -17.09 -13.08 6.22
C THR B 121 -17.14 -14.46 5.54
N ASP B 122 -16.99 -14.53 4.19
CA ASP B 122 -16.99 -15.83 3.49
C ASP B 122 -15.66 -16.13 2.81
N ASN B 127 -13.29 -13.67 -3.06
CA ASN B 127 -12.85 -14.94 -3.65
C ASN B 127 -12.03 -14.79 -4.94
N ASN B 128 -12.35 -13.78 -5.78
CA ASN B 128 -11.75 -13.48 -7.09
C ASN B 128 -10.32 -12.88 -7.07
N TYR B 129 -10.12 -11.74 -6.34
CA TYR B 129 -8.86 -10.95 -6.25
C TYR B 129 -8.46 -10.32 -7.60
N GLU B 130 -9.48 -10.01 -8.45
CA GLU B 130 -9.36 -9.36 -9.77
C GLU B 130 -9.03 -7.86 -9.53
N PRO B 131 -8.33 -7.13 -10.45
CA PRO B 131 -8.03 -5.71 -10.18
C PRO B 131 -9.26 -4.87 -9.89
N PHE B 132 -9.15 -3.98 -8.88
CA PHE B 132 -10.20 -3.06 -8.42
C PHE B 132 -11.50 -3.79 -8.03
N SER B 133 -11.36 -4.97 -7.41
CA SER B 133 -12.47 -5.73 -6.86
C SER B 133 -12.55 -5.43 -5.32
N PRO B 134 -13.71 -5.64 -4.68
CA PRO B 134 -13.80 -5.37 -3.23
C PRO B 134 -12.75 -6.02 -2.32
N GLU B 135 -12.36 -7.27 -2.62
CA GLU B 135 -11.36 -8.05 -1.85
C GLU B 135 -9.95 -7.48 -1.89
N VAL B 136 -9.63 -6.59 -2.86
CA VAL B 136 -8.30 -5.98 -3.00
C VAL B 136 -8.33 -4.42 -2.89
N TYR B 137 -9.43 -3.85 -2.32
CA TYR B 137 -9.63 -2.41 -2.17
C TYR B 137 -8.46 -1.69 -1.53
N GLY B 138 -7.91 -2.27 -0.46
CA GLY B 138 -6.78 -1.70 0.27
C GLY B 138 -5.51 -1.59 -0.54
N GLU B 139 -5.26 -2.54 -1.48
CA GLU B 139 -4.05 -2.60 -2.33
C GLU B 139 -3.78 -1.36 -3.22
N THR B 140 -4.73 -1.00 -4.07
CA THR B 140 -4.54 0.12 -5.01
C THR B 140 -5.63 1.18 -4.87
N SER B 141 -6.88 0.70 -4.78
CA SER B 141 -8.08 1.53 -4.75
C SER B 141 -8.07 2.63 -3.71
N PHE B 142 -7.78 2.30 -2.42
CA PHE B 142 -7.82 3.29 -1.35
C PHE B 142 -7.00 4.53 -1.69
N ASP B 143 -5.72 4.33 -2.05
CA ASP B 143 -4.80 5.41 -2.37
C ASP B 143 -5.22 6.19 -3.59
N LEU B 144 -5.68 5.49 -4.64
CA LEU B 144 -6.16 6.14 -5.85
C LEU B 144 -7.40 6.98 -5.57
N VAL B 145 -8.37 6.45 -4.82
CA VAL B 145 -9.58 7.21 -4.46
C VAL B 145 -9.18 8.46 -3.63
N ALA B 146 -8.19 8.34 -2.70
CA ALA B 146 -7.66 9.46 -1.91
C ALA B 146 -7.06 10.55 -2.82
N GLN B 147 -6.26 10.18 -3.86
CA GLN B 147 -5.71 11.15 -4.83
C GLN B 147 -6.82 11.84 -5.62
N MET B 148 -7.85 11.07 -6.04
CA MET B 148 -9.01 11.56 -6.79
C MET B 148 -9.79 12.61 -5.94
N ILE B 149 -10.04 12.31 -4.66
CA ILE B 149 -10.74 13.22 -3.72
C ILE B 149 -9.97 14.56 -3.65
N ASP B 150 -8.62 14.51 -3.54
CA ASP B 150 -7.77 15.71 -3.49
C ASP B 150 -7.81 16.50 -4.77
N GLU B 151 -7.97 15.83 -5.91
CA GLU B 151 -7.99 16.44 -7.24
C GLU B 151 -9.34 17.07 -7.60
N ILE B 152 -10.42 16.27 -7.51
CA ILE B 152 -11.80 16.63 -7.86
C ILE B 152 -12.35 17.35 -6.64
N LYS B 153 -12.28 18.68 -6.63
CA LYS B 153 -12.71 19.44 -5.45
C LYS B 153 -14.24 19.45 -5.30
N MET B 154 -14.72 18.81 -4.22
CA MET B 154 -16.14 18.63 -3.91
C MET B 154 -16.58 19.47 -2.72
N THR B 155 -17.80 20.06 -2.81
CA THR B 155 -18.37 20.94 -1.79
C THR B 155 -19.77 20.46 -1.37
N ASP B 156 -20.41 21.18 -0.42
CA ASP B 156 -21.76 20.88 0.09
C ASP B 156 -22.86 20.97 -0.96
N ASP B 157 -22.55 21.58 -2.13
CA ASP B 157 -23.44 21.72 -3.27
C ASP B 157 -23.43 20.47 -4.15
N ASP B 158 -22.40 19.60 -3.99
CA ASP B 158 -22.25 18.40 -4.81
C ASP B 158 -23.05 17.21 -4.35
N LEU B 159 -23.43 16.37 -5.31
CA LEU B 159 -24.12 15.11 -5.13
C LEU B 159 -23.24 14.11 -5.86
N PHE B 160 -22.76 13.09 -5.12
CA PHE B 160 -21.85 12.08 -5.63
C PHE B 160 -22.56 10.74 -5.83
N VAL B 161 -22.36 10.12 -7.00
CA VAL B 161 -22.94 8.81 -7.28
C VAL B 161 -21.85 7.87 -7.84
N ASP B 162 -21.73 6.66 -7.25
CA ASP B 162 -20.88 5.61 -7.77
C ASP B 162 -21.82 4.62 -8.52
N LEU B 163 -21.64 4.51 -9.86
CA LEU B 163 -22.45 3.63 -10.73
C LEU B 163 -21.79 2.26 -10.77
N GLY B 164 -22.35 1.32 -10.01
CA GLY B 164 -21.80 -0.02 -9.83
C GLY B 164 -20.89 0.04 -8.63
N SER B 165 -21.47 0.34 -7.46
CA SER B 165 -20.73 0.58 -6.22
C SER B 165 -20.17 -0.64 -5.46
N GLY B 166 -20.38 -1.85 -5.99
CA GLY B 166 -19.93 -3.09 -5.34
C GLY B 166 -20.49 -3.24 -3.94
N VAL B 167 -19.60 -3.32 -2.93
CA VAL B 167 -19.98 -3.42 -1.51
C VAL B 167 -20.03 -2.01 -0.86
N GLY B 168 -19.84 -0.97 -1.66
CA GLY B 168 -19.94 0.45 -1.28
C GLY B 168 -18.68 1.14 -0.79
N GLN B 169 -17.51 0.53 -0.99
CA GLN B 169 -16.24 1.04 -0.46
C GLN B 169 -15.86 2.47 -0.90
N VAL B 170 -16.07 2.83 -2.19
CA VAL B 170 -15.75 4.16 -2.74
C VAL B 170 -16.69 5.19 -2.08
N VAL B 171 -17.98 4.87 -1.99
CA VAL B 171 -19.00 5.72 -1.36
C VAL B 171 -18.62 5.97 0.11
N LEU B 172 -18.22 4.92 0.86
CA LEU B 172 -17.83 5.07 2.27
C LEU B 172 -16.60 5.95 2.40
N GLN B 173 -15.59 5.76 1.51
CA GLN B 173 -14.38 6.58 1.56
C GLN B 173 -14.68 8.06 1.25
N VAL B 174 -15.43 8.32 0.16
CA VAL B 174 -15.77 9.66 -0.27
C VAL B 174 -16.66 10.33 0.79
N ALA B 175 -17.66 9.62 1.34
CA ALA B 175 -18.52 10.17 2.42
C ALA B 175 -17.70 10.48 3.68
N ALA B 176 -16.67 9.67 4.00
CA ALA B 176 -15.85 9.97 5.19
C ALA B 176 -14.90 11.14 4.95
N ALA B 177 -14.55 11.41 3.67
CA ALA B 177 -13.61 12.48 3.34
C ALA B 177 -14.22 13.80 2.87
N THR B 178 -15.42 13.82 2.27
CA THR B 178 -15.96 15.06 1.71
C THR B 178 -17.20 15.62 2.39
N ASN B 179 -17.60 16.85 2.04
CA ASN B 179 -18.81 17.47 2.56
C ASN B 179 -19.95 17.52 1.50
N CYS B 180 -19.99 16.58 0.48
CA CYS B 180 -21.10 16.50 -0.48
C CYS B 180 -22.39 16.39 0.29
N LYS B 181 -23.46 16.99 -0.25
CA LYS B 181 -24.81 16.94 0.28
C LYS B 181 -25.21 15.45 0.54
N HIS B 182 -24.91 14.56 -0.42
CA HIS B 182 -25.26 13.14 -0.33
C HIS B 182 -24.38 12.34 -1.28
N HIS B 183 -24.13 11.08 -0.90
CA HIS B 183 -23.34 10.14 -1.67
C HIS B 183 -24.20 8.94 -1.90
N TYR B 184 -24.26 8.46 -3.14
CA TYR B 184 -25.07 7.31 -3.45
C TYR B 184 -24.23 6.25 -4.09
N GLY B 185 -24.55 5.03 -3.74
CA GLY B 185 -23.97 3.84 -4.33
C GLY B 185 -25.10 3.00 -4.86
N VAL B 186 -25.05 2.66 -6.16
CA VAL B 186 -26.03 1.79 -6.82
C VAL B 186 -25.33 0.53 -7.33
N GLU B 187 -25.80 -0.64 -6.90
CA GLU B 187 -25.23 -1.93 -7.31
C GLU B 187 -26.34 -2.87 -7.75
N LYS B 188 -26.21 -3.47 -8.94
CA LYS B 188 -27.20 -4.37 -9.52
C LYS B 188 -27.06 -5.79 -8.98
N ALA B 189 -25.83 -6.33 -8.95
CA ALA B 189 -25.53 -7.68 -8.49
C ALA B 189 -25.95 -7.94 -7.05
N ASP B 190 -26.65 -9.07 -6.84
CA ASP B 190 -27.22 -9.55 -5.58
C ASP B 190 -26.20 -9.73 -4.44
N ILE B 191 -25.09 -10.45 -4.68
CA ILE B 191 -24.07 -10.75 -3.66
C ILE B 191 -23.41 -9.44 -3.12
N PRO B 192 -22.87 -8.52 -3.98
CA PRO B 192 -22.25 -7.29 -3.44
C PRO B 192 -23.25 -6.36 -2.74
N ALA B 193 -24.46 -6.20 -3.33
CA ALA B 193 -25.52 -5.36 -2.77
C ALA B 193 -26.00 -5.85 -1.39
N LYS B 194 -25.98 -7.18 -1.15
CA LYS B 194 -26.35 -7.78 0.13
C LYS B 194 -25.25 -7.45 1.17
N TYR B 195 -23.97 -7.57 0.75
CA TYR B 195 -22.78 -7.27 1.58
C TYR B 195 -22.73 -5.78 1.93
N ALA B 196 -23.13 -4.90 0.99
CA ALA B 196 -23.24 -3.44 1.14
C ALA B 196 -24.13 -3.07 2.34
N GLU B 197 -25.19 -3.87 2.60
CA GLU B 197 -26.12 -3.66 3.72
C GLU B 197 -25.38 -3.80 5.05
N THR B 198 -24.52 -4.81 5.15
CA THR B 198 -23.69 -5.05 6.34
C THR B 198 -22.55 -4.01 6.39
N MET B 199 -21.94 -3.64 5.22
CA MET B 199 -20.86 -2.62 5.15
C MET B 199 -21.38 -1.30 5.71
N ASP B 200 -22.60 -0.92 5.33
CA ASP B 200 -23.31 0.28 5.79
C ASP B 200 -23.44 0.28 7.34
N ARG B 201 -24.03 -0.79 7.92
CA ARG B 201 -24.20 -0.94 9.38
C ARG B 201 -22.85 -0.89 10.09
N GLU B 202 -21.88 -1.72 9.65
CA GLU B 202 -20.54 -1.81 10.24
C GLU B 202 -19.81 -0.47 10.18
N PHE B 203 -19.95 0.26 9.05
CA PHE B 203 -19.32 1.57 8.89
C PHE B 203 -19.90 2.59 9.89
N ARG B 204 -21.24 2.71 9.94
CA ARG B 204 -21.87 3.66 10.85
C ARG B 204 -21.49 3.33 12.31
N LYS B 205 -21.53 2.05 12.69
CA LYS B 205 -21.16 1.57 14.02
C LYS B 205 -19.70 1.90 14.39
N TRP B 206 -18.73 1.53 13.52
CA TRP B 206 -17.32 1.76 13.79
C TRP B 206 -16.98 3.25 13.81
N MET B 207 -17.60 4.07 12.91
CA MET B 207 -17.36 5.53 12.90
C MET B 207 -17.83 6.15 14.23
N LYS B 208 -18.96 5.65 14.77
CA LYS B 208 -19.45 6.09 16.08
C LYS B 208 -18.47 5.63 17.15
N TRP B 209 -17.96 4.40 17.06
CA TRP B 209 -16.99 3.88 18.04
C TRP B 209 -15.77 4.78 18.16
N TYR B 210 -15.21 5.24 17.02
CA TYR B 210 -14.03 6.13 17.01
C TYR B 210 -14.37 7.58 17.30
N GLY B 211 -15.64 7.95 17.13
CA GLY B 211 -16.13 9.32 17.31
C GLY B 211 -15.84 10.18 16.10
N LYS B 212 -16.00 9.60 14.92
CA LYS B 212 -15.69 10.24 13.64
C LYS B 212 -16.92 10.57 12.82
N LYS B 213 -16.91 11.75 12.22
CA LYS B 213 -17.96 12.28 11.37
C LYS B 213 -17.78 11.81 9.91
N HIS B 214 -18.90 11.63 9.20
CA HIS B 214 -18.95 11.32 7.77
C HIS B 214 -20.16 12.03 7.22
N ALA B 215 -20.18 12.27 5.90
CA ALA B 215 -21.30 12.89 5.20
C ALA B 215 -22.42 11.84 5.07
N GLU B 216 -23.60 12.29 4.68
CA GLU B 216 -24.74 11.41 4.46
C GLU B 216 -24.52 10.56 3.22
N TYR B 217 -24.91 9.29 3.29
CA TYR B 217 -24.76 8.37 2.16
C TYR B 217 -25.88 7.32 2.17
N THR B 218 -26.11 6.72 0.99
CA THR B 218 -27.09 5.67 0.77
C THR B 218 -26.49 4.67 -0.19
N LEU B 219 -26.51 3.39 0.21
CA LEU B 219 -26.10 2.27 -0.62
C LEU B 219 -27.40 1.54 -0.99
N GLU B 220 -27.69 1.46 -2.30
CA GLU B 220 -28.91 0.82 -2.75
C GLU B 220 -28.69 -0.19 -3.88
N ARG B 221 -29.62 -1.15 -3.99
CA ARG B 221 -29.61 -2.16 -5.04
C ARG B 221 -30.41 -1.56 -6.20
N GLY B 222 -29.90 -1.72 -7.42
CA GLY B 222 -30.57 -1.21 -8.61
C GLY B 222 -29.75 -1.23 -9.87
N ASP B 223 -30.42 -0.97 -10.99
CA ASP B 223 -29.83 -0.90 -12.33
C ASP B 223 -29.71 0.59 -12.68
N PHE B 224 -28.45 1.05 -12.87
CA PHE B 224 -28.21 2.45 -13.18
C PHE B 224 -28.64 2.83 -14.60
N LEU B 225 -29.06 1.85 -15.42
CA LEU B 225 -29.58 2.10 -16.76
C LEU B 225 -31.13 2.09 -16.81
N SER B 226 -31.79 1.95 -15.64
CA SER B 226 -33.26 1.96 -15.53
C SER B 226 -33.82 3.38 -15.76
N GLU B 227 -35.16 3.48 -15.95
CA GLU B 227 -35.83 4.76 -16.19
C GLU B 227 -35.72 5.70 -15.00
N GLU B 228 -35.92 5.16 -13.79
CA GLU B 228 -35.81 5.88 -12.51
C GLU B 228 -34.40 6.54 -12.41
N TRP B 229 -33.35 5.81 -12.80
CA TRP B 229 -31.98 6.29 -12.72
C TRP B 229 -31.58 7.33 -13.78
N ARG B 230 -32.42 7.52 -14.84
CA ARG B 230 -32.17 8.50 -15.89
C ARG B 230 -32.12 9.93 -15.34
N GLU B 231 -33.16 10.34 -14.59
CA GLU B 231 -33.24 11.68 -14.01
C GLU B 231 -32.30 11.82 -12.83
N ARG B 232 -31.98 10.69 -12.15
CA ARG B 232 -31.04 10.66 -11.01
C ARG B 232 -29.63 10.97 -11.47
N ILE B 233 -29.21 10.42 -12.62
CA ILE B 233 -27.91 10.72 -13.26
C ILE B 233 -27.91 12.19 -13.74
N ALA B 234 -29.03 12.64 -14.37
CA ALA B 234 -29.16 14.03 -14.87
C ALA B 234 -28.97 15.07 -13.77
N ASN B 235 -29.38 14.73 -12.52
CA ASN B 235 -29.26 15.63 -11.37
C ASN B 235 -28.00 15.45 -10.56
N THR B 236 -27.10 14.52 -10.97
CA THR B 236 -25.84 14.23 -10.26
C THR B 236 -24.75 15.21 -10.67
N SER B 237 -23.99 15.75 -9.70
CA SER B 237 -22.94 16.70 -10.05
C SER B 237 -21.59 15.99 -10.24
N VAL B 238 -21.38 14.84 -9.57
CA VAL B 238 -20.16 14.04 -9.67
C VAL B 238 -20.52 12.55 -9.78
N ILE B 239 -20.26 11.95 -10.95
CA ILE B 239 -20.43 10.53 -11.21
C ILE B 239 -19.04 9.86 -11.13
N PHE B 240 -18.98 8.69 -10.48
CA PHE B 240 -17.79 7.85 -10.41
C PHE B 240 -18.24 6.56 -11.09
N VAL B 241 -17.51 6.11 -12.12
CA VAL B 241 -17.91 4.89 -12.82
C VAL B 241 -16.69 4.12 -13.32
N ASN B 242 -16.52 2.89 -12.84
CA ASN B 242 -15.45 2.02 -13.30
C ASN B 242 -15.95 1.34 -14.58
N ASN B 243 -15.83 2.06 -15.71
CA ASN B 243 -16.32 1.61 -17.01
C ASN B 243 -15.29 0.83 -17.81
N PHE B 244 -14.13 0.54 -17.19
CA PHE B 244 -13.01 -0.17 -17.78
C PHE B 244 -13.42 -1.40 -18.63
N ALA B 245 -14.27 -2.29 -18.10
CA ALA B 245 -14.69 -3.54 -18.74
C ALA B 245 -16.10 -3.48 -19.40
N PHE B 246 -16.68 -2.28 -19.53
CA PHE B 246 -18.01 -2.11 -20.13
C PHE B 246 -18.03 -2.38 -21.64
N GLY B 247 -19.11 -2.99 -22.10
CA GLY B 247 -19.33 -3.27 -23.52
C GLY B 247 -19.78 -2.02 -24.26
N PRO B 248 -19.82 -2.05 -25.62
CA PRO B 248 -20.24 -0.85 -26.39
C PRO B 248 -21.65 -0.36 -26.11
N GLU B 249 -22.57 -1.28 -25.80
CA GLU B 249 -23.98 -1.03 -25.50
C GLU B 249 -24.18 -0.26 -24.19
N VAL B 250 -23.51 -0.70 -23.11
CA VAL B 250 -23.59 -0.07 -21.81
C VAL B 250 -22.90 1.30 -21.91
N ASP B 251 -21.80 1.38 -22.67
CA ASP B 251 -21.06 2.61 -22.88
C ASP B 251 -21.93 3.63 -23.63
N HIS B 252 -22.67 3.18 -24.66
CA HIS B 252 -23.59 3.99 -25.47
C HIS B 252 -24.74 4.51 -24.61
N GLN B 253 -25.38 3.61 -23.83
CA GLN B 253 -26.47 3.94 -22.92
C GLN B 253 -26.04 4.98 -21.88
N LEU B 254 -24.84 4.82 -21.30
CA LEU B 254 -24.29 5.74 -20.30
C LEU B 254 -24.10 7.15 -20.87
N LYS B 255 -23.51 7.25 -22.07
CA LYS B 255 -23.31 8.51 -22.79
C LYS B 255 -24.66 9.21 -23.04
N GLU B 256 -25.73 8.43 -23.25
CA GLU B 256 -27.09 8.94 -23.43
C GLU B 256 -27.58 9.57 -22.11
N ARG B 257 -27.26 8.93 -20.96
CA ARG B 257 -27.62 9.43 -19.63
C ARG B 257 -26.82 10.70 -19.31
N PHE B 258 -25.51 10.71 -19.60
CA PHE B 258 -24.62 11.85 -19.34
C PHE B 258 -24.97 13.10 -20.10
N ALA B 259 -25.55 12.93 -21.29
CA ALA B 259 -25.99 14.00 -22.19
C ALA B 259 -27.08 14.89 -21.57
N ASN B 260 -27.78 14.39 -20.53
CA ASN B 260 -28.81 15.11 -19.78
C ASN B 260 -28.25 15.80 -18.53
N MET B 261 -26.95 15.63 -18.22
CA MET B 261 -26.35 16.27 -17.05
C MET B 261 -26.25 17.79 -17.19
N LYS B 262 -26.14 18.50 -16.06
CA LYS B 262 -26.07 19.96 -16.00
C LYS B 262 -24.68 20.47 -16.34
N GLU B 263 -24.55 21.75 -16.78
CA GLU B 263 -23.26 22.39 -17.08
C GLU B 263 -22.35 22.34 -15.84
N GLY B 264 -21.11 21.88 -15.99
CA GLY B 264 -20.18 21.73 -14.88
C GLY B 264 -20.26 20.38 -14.18
N GLY B 265 -21.21 19.54 -14.60
CA GLY B 265 -21.39 18.18 -14.11
C GLY B 265 -20.16 17.39 -14.46
N ARG B 266 -19.70 16.52 -13.56
CA ARG B 266 -18.45 15.78 -13.74
C ARG B 266 -18.59 14.26 -13.69
N ILE B 267 -17.79 13.57 -14.53
CA ILE B 267 -17.72 12.12 -14.60
C ILE B 267 -16.25 11.71 -14.45
N VAL B 268 -15.98 10.87 -13.44
CA VAL B 268 -14.66 10.35 -13.12
C VAL B 268 -14.71 8.87 -13.51
N SER B 269 -13.89 8.48 -14.49
CA SER B 269 -13.93 7.11 -14.99
C SER B 269 -12.57 6.50 -15.20
N SER B 270 -12.53 5.19 -15.46
CA SER B 270 -11.30 4.44 -15.71
C SER B 270 -10.95 4.37 -17.22
N LYS B 271 -11.90 4.71 -18.07
CA LYS B 271 -11.71 4.73 -19.52
C LYS B 271 -12.47 5.95 -20.05
N PRO B 272 -11.88 6.76 -20.98
CA PRO B 272 -12.57 7.98 -21.43
C PRO B 272 -13.85 7.71 -22.24
N PHE B 273 -14.89 8.52 -22.00
CA PHE B 273 -16.17 8.41 -22.72
C PHE B 273 -16.13 9.17 -24.05
N ALA B 274 -15.14 10.05 -24.24
CA ALA B 274 -14.94 10.80 -25.48
C ALA B 274 -13.44 10.94 -25.70
N PRO B 275 -12.94 11.09 -26.95
CA PRO B 275 -11.49 11.18 -27.14
C PRO B 275 -10.89 12.42 -26.49
N LEU B 276 -9.63 12.27 -26.04
CA LEU B 276 -8.89 13.35 -25.39
C LEU B 276 -8.56 14.47 -26.38
N ASN B 277 -8.43 14.11 -27.66
CA ASN B 277 -8.08 15.01 -28.75
C ASN B 277 -9.31 15.33 -29.64
N PHE B 278 -10.54 15.15 -29.10
CA PHE B 278 -11.77 15.40 -29.86
C PHE B 278 -11.76 16.74 -30.56
N ARG B 279 -11.99 16.71 -31.87
CA ARG B 279 -12.07 17.88 -32.74
C ARG B 279 -13.45 17.91 -33.39
N ILE B 280 -14.27 18.91 -33.01
CA ILE B 280 -15.64 19.11 -33.48
C ILE B 280 -15.66 19.48 -34.96
N ASN B 281 -16.38 18.68 -35.77
CA ASN B 281 -16.55 18.88 -37.20
C ASN B 281 -17.98 18.53 -37.62
N SER B 282 -18.28 18.65 -38.93
CA SER B 282 -19.61 18.36 -39.49
C SER B 282 -20.02 16.89 -39.42
N ARG B 283 -19.06 15.96 -39.32
CA ARG B 283 -19.33 14.51 -39.31
C ARG B 283 -19.43 13.87 -37.90
N ASN B 284 -19.12 14.63 -36.83
CA ASN B 284 -19.17 14.10 -35.46
C ASN B 284 -20.01 14.98 -34.51
N LEU B 285 -21.12 15.58 -34.99
CA LEU B 285 -21.99 16.43 -34.16
C LEU B 285 -22.89 15.62 -33.20
N SER B 286 -22.97 14.29 -33.41
CA SER B 286 -23.77 13.34 -32.61
C SER B 286 -23.00 12.84 -31.41
N ASP B 287 -21.67 12.96 -31.44
CA ASP B 287 -20.77 12.45 -30.41
C ASP B 287 -20.80 13.25 -29.11
N ILE B 288 -20.65 12.54 -27.98
CA ILE B 288 -20.64 13.14 -26.64
C ILE B 288 -19.49 14.17 -26.46
N GLY B 289 -18.43 14.03 -27.27
CA GLY B 289 -17.28 14.94 -27.27
C GLY B 289 -17.64 16.39 -27.54
N THR B 290 -18.80 16.61 -28.20
CA THR B 290 -19.32 17.94 -28.52
C THR B 290 -19.82 18.69 -27.27
N ILE B 291 -20.11 17.96 -26.15
CA ILE B 291 -20.66 18.61 -24.94
C ILE B 291 -19.83 18.36 -23.68
N MET B 292 -18.63 17.80 -23.80
CA MET B 292 -17.82 17.60 -22.60
C MET B 292 -16.33 17.74 -22.83
N ARG B 293 -15.65 18.36 -21.85
CA ARG B 293 -14.19 18.43 -21.84
C ARG B 293 -13.75 17.15 -21.15
N VAL B 294 -12.63 16.57 -21.57
CA VAL B 294 -12.08 15.32 -21.05
C VAL B 294 -10.60 15.54 -20.83
N VAL B 295 -10.11 15.17 -19.63
CA VAL B 295 -8.69 15.24 -19.28
C VAL B 295 -8.25 13.92 -18.67
N GLU B 296 -7.02 13.52 -18.96
CA GLU B 296 -6.42 12.33 -18.37
C GLU B 296 -5.66 12.80 -17.15
N LEU B 297 -5.93 12.19 -15.99
CA LEU B 297 -5.25 12.50 -14.74
C LEU B 297 -4.41 11.32 -14.28
N SER B 298 -3.31 11.61 -13.61
CA SER B 298 -2.46 10.54 -13.08
C SER B 298 -1.81 10.97 -11.80
N PRO B 299 -1.85 10.12 -10.76
CA PRO B 299 -1.08 10.45 -9.53
C PRO B 299 0.43 10.61 -9.81
N LEU B 300 0.99 9.90 -10.81
CA LEU B 300 2.40 10.00 -11.22
C LEU B 300 2.82 11.40 -11.75
N LYS B 301 1.86 12.19 -12.26
CA LYS B 301 2.08 13.56 -12.76
C LYS B 301 2.09 14.59 -11.61
N GLY B 302 2.84 15.67 -11.79
CA GLY B 302 2.97 16.73 -10.80
C GLY B 302 3.97 16.44 -9.70
N SER B 303 3.83 17.18 -8.56
CA SER B 303 4.70 17.05 -7.37
C SER B 303 4.10 16.07 -6.34
N VAL B 304 3.08 15.31 -6.79
CA VAL B 304 2.34 14.30 -6.04
C VAL B 304 3.32 13.14 -5.72
N SER B 305 3.57 12.86 -4.42
CA SER B 305 4.45 11.75 -4.03
C SER B 305 3.68 10.42 -4.15
N TRP B 306 3.70 9.80 -5.36
CA TRP B 306 3.03 8.53 -5.66
C TRP B 306 4.05 7.48 -6.00
N THR B 307 3.99 6.34 -5.34
CA THR B 307 4.89 5.22 -5.58
C THR B 307 4.09 3.94 -5.86
N GLY B 308 2.78 4.06 -6.05
CA GLY B 308 1.91 2.94 -6.37
C GLY B 308 2.02 2.54 -7.84
N LYS B 309 0.99 1.85 -8.36
CA LYS B 309 0.90 1.40 -9.77
C LYS B 309 0.83 2.57 -10.73
N PRO B 310 1.34 2.42 -11.98
CA PRO B 310 1.24 3.53 -12.95
C PRO B 310 -0.18 3.63 -13.54
N VAL B 311 -1.08 4.12 -12.72
CA VAL B 311 -2.49 4.26 -13.05
C VAL B 311 -2.83 5.63 -13.63
N SER B 312 -3.95 5.67 -14.34
CA SER B 312 -4.55 6.83 -14.96
C SER B 312 -6.05 6.82 -14.72
N TYR B 313 -6.69 7.98 -14.76
CA TYR B 313 -8.14 8.12 -14.69
C TYR B 313 -8.56 9.32 -15.51
N TYR B 314 -9.85 9.40 -15.84
CA TYR B 314 -10.38 10.41 -16.75
C TYR B 314 -11.44 11.26 -16.10
N LEU B 315 -11.24 12.58 -16.18
CA LEU B 315 -12.19 13.57 -15.68
C LEU B 315 -12.93 14.21 -16.87
N HIS B 316 -14.26 14.05 -16.91
CA HIS B 316 -15.14 14.64 -17.94
C HIS B 316 -15.96 15.77 -17.32
N THR B 317 -16.05 16.92 -17.98
CA THR B 317 -16.81 18.05 -17.46
C THR B 317 -17.79 18.51 -18.53
N ILE B 318 -19.10 18.48 -18.21
CA ILE B 318 -20.15 18.91 -19.11
C ILE B 318 -19.89 20.38 -19.43
N ASP B 319 -19.63 20.66 -20.74
CA ASP B 319 -19.30 21.96 -21.36
C ASP B 319 -19.95 22.09 -22.76
N ARG B 320 -21.17 22.66 -22.81
CA ARG B 320 -21.93 22.83 -24.05
C ARG B 320 -21.37 23.93 -24.95
N THR B 321 -20.38 24.74 -24.47
CA THR B 321 -19.78 25.81 -25.28
C THR B 321 -19.06 25.27 -26.52
N ILE B 322 -18.58 24.00 -26.49
CA ILE B 322 -17.90 23.34 -27.64
C ILE B 322 -18.88 23.25 -28.81
N LEU B 323 -20.14 22.93 -28.51
CA LEU B 323 -21.21 22.85 -29.49
C LEU B 323 -21.67 24.27 -29.89
N GLU B 324 -21.78 25.20 -28.92
CA GLU B 324 -22.20 26.60 -29.10
C GLU B 324 -21.25 27.40 -30.01
N ASN B 325 -19.92 27.26 -29.82
CA ASN B 325 -18.89 27.96 -30.59
C ASN B 325 -18.82 27.49 -32.04
N TYR B 326 -19.07 26.17 -32.26
CA TYR B 326 -19.11 25.56 -33.60
C TYR B 326 -20.25 26.16 -34.43
N PHE B 327 -21.46 26.25 -33.84
CA PHE B 327 -22.62 26.83 -34.53
C PHE B 327 -22.45 28.34 -34.74
N SER B 328 -21.87 29.05 -33.73
CA SER B 328 -21.61 30.50 -33.82
C SER B 328 -20.58 30.84 -34.90
N SER B 329 -19.60 29.94 -35.13
CA SER B 329 -18.59 30.09 -36.17
C SER B 329 -19.18 29.86 -37.56
N LEU B 330 -20.24 29.03 -37.69
CA LEU B 330 -20.91 28.75 -38.96
C LEU B 330 -21.75 29.95 -39.42
N LYS B 331 -22.37 30.64 -38.45
CA LYS B 331 -23.23 31.81 -38.67
C LYS B 331 -22.43 33.09 -38.91
#